data_1X0A
#
_entry.id   1X0A
#
_cell.length_a   163.250
_cell.length_b   163.250
_cell.length_c   163.250
_cell.angle_alpha   90.00
_cell.angle_beta   90.00
_cell.angle_gamma   90.00
#
_symmetry.space_group_name_H-M   'I 21 3'
#
loop_
_entity.id
_entity.type
_entity.pdbx_description
1 polymer 'malate/L-lactate dehydrogenase family protein'
2 non-polymer 'SODIUM ION'
3 non-polymer 'FORMIC ACID'
4 water water
#
_entity_poly.entity_id   1
_entity_poly.type   'polypeptide(L)'
_entity_poly.pdbx_seq_one_letter_code
;MRWRADFLSAWAEALLRKAGADEPSAKAVAWALVEADLRGVGSHGLLRLPVYVRRLEAGLVNPSPTLPLEERGPVALLDG
EHGFGPRVALKAVEAAQSLARRHGLGAVGVRRSTHFGMAGLYAEKLAREGFVAWVTTNAEPDVVPFGGREKALGTNPLAF
AAPAPQGILVADLATSESAMGKVFLAREKGERIPPSWGVDREGSPTDDPHRVYALRPLGGPKGYALALLVEVLSGVLTGA
GVAHGIGRMYDEWDRPQDVGHFLLALDPGRFVGKEAFLERMGALWQALKATPPAPGHEEVFLPGELEARRRERALAEGMA
LPERVVAELKALGERYGVPWRDDA
;
_entity_poly.pdbx_strand_id   A
#
# COMPACT_ATOMS: atom_id res chain seq x y z
N MET A 1 9.25 -0.67 -22.96
CA MET A 1 7.98 -0.08 -23.47
C MET A 1 7.27 0.67 -22.35
N ARG A 2 7.17 1.99 -22.49
CA ARG A 2 6.52 2.82 -21.49
C ARG A 2 5.13 3.25 -21.97
N TRP A 3 4.26 3.54 -21.01
CA TRP A 3 2.90 3.94 -21.32
C TRP A 3 2.52 5.26 -20.66
N ARG A 4 1.59 5.98 -21.29
CA ARG A 4 1.12 7.25 -20.76
C ARG A 4 0.29 6.97 -19.51
N ALA A 5 0.80 7.41 -18.36
CA ALA A 5 0.11 7.20 -17.09
C ALA A 5 -1.29 7.79 -17.05
N ASP A 6 -1.46 8.97 -17.63
CA ASP A 6 -2.77 9.62 -17.64
C ASP A 6 -3.78 8.76 -18.41
N PHE A 7 -3.35 8.17 -19.52
CA PHE A 7 -4.22 7.33 -20.32
C PHE A 7 -4.56 6.03 -19.58
N LEU A 8 -3.56 5.44 -18.93
CA LEU A 8 -3.80 4.20 -18.19
C LEU A 8 -4.72 4.47 -17.00
N SER A 9 -4.56 5.63 -16.38
CA SER A 9 -5.40 5.98 -15.24
C SER A 9 -6.86 6.09 -15.68
N ALA A 10 -7.08 6.77 -16.79
CA ALA A 10 -8.43 6.95 -17.32
C ALA A 10 -9.01 5.60 -17.74
N TRP A 11 -8.17 4.76 -18.34
CA TRP A 11 -8.58 3.43 -18.78
C TRP A 11 -9.02 2.57 -17.60
N ALA A 12 -8.19 2.51 -16.57
CA ALA A 12 -8.49 1.70 -15.38
C ALA A 12 -9.80 2.15 -14.74
N GLU A 13 -9.97 3.46 -14.61
CA GLU A 13 -11.17 4.00 -14.01
C GLU A 13 -12.40 3.57 -14.81
N ALA A 14 -12.32 3.69 -16.12
CA ALA A 14 -13.43 3.32 -16.99
C ALA A 14 -13.75 1.84 -16.88
N LEU A 15 -12.71 1.00 -16.82
CA LEU A 15 -12.93 -0.43 -16.70
C LEU A 15 -13.61 -0.75 -15.37
N LEU A 16 -13.17 -0.08 -14.31
CA LEU A 16 -13.76 -0.28 -12.98
C LEU A 16 -15.24 0.13 -12.98
N ARG A 17 -15.56 1.24 -13.64
CA ARG A 17 -16.95 1.68 -13.68
C ARG A 17 -17.76 0.62 -14.43
N LYS A 18 -17.20 0.14 -15.53
CA LYS A 18 -17.84 -0.88 -16.34
C LYS A 18 -18.09 -2.14 -15.51
N ALA A 19 -17.14 -2.47 -14.64
CA ALA A 19 -17.25 -3.65 -13.79
C ALA A 19 -18.28 -3.46 -12.68
N GLY A 20 -18.70 -2.22 -12.45
CA GLY A 20 -19.70 -1.95 -11.43
C GLY A 20 -19.35 -1.00 -10.29
N ALA A 21 -18.11 -0.55 -10.22
CA ALA A 21 -17.69 0.36 -9.15
C ALA A 21 -18.29 1.74 -9.35
N ASP A 22 -18.63 2.42 -8.25
CA ASP A 22 -19.18 3.77 -8.40
C ASP A 22 -18.03 4.72 -8.73
N GLU A 23 -18.34 5.98 -9.02
CA GLU A 23 -17.30 6.93 -9.40
C GLU A 23 -16.15 7.13 -8.40
N PRO A 24 -16.45 7.47 -7.14
CA PRO A 24 -15.34 7.67 -6.20
C PRO A 24 -14.47 6.43 -6.00
N SER A 25 -15.08 5.24 -6.01
CA SER A 25 -14.32 4.01 -5.83
C SER A 25 -13.42 3.74 -7.03
N ALA A 26 -13.94 3.93 -8.24
CA ALA A 26 -13.15 3.69 -9.44
C ALA A 26 -11.97 4.67 -9.50
N LYS A 27 -12.22 5.92 -9.11
CA LYS A 27 -11.16 6.91 -9.13
C LYS A 27 -10.09 6.61 -8.09
N ALA A 28 -10.52 6.20 -6.89
CA ALA A 28 -9.60 5.88 -5.81
C ALA A 28 -8.66 4.75 -6.18
N VAL A 29 -9.21 3.68 -6.77
CA VAL A 29 -8.40 2.53 -7.18
C VAL A 29 -7.45 2.89 -8.32
N ALA A 30 -7.96 3.58 -9.33
CA ALA A 30 -7.11 3.98 -10.46
C ALA A 30 -5.97 4.83 -9.94
N TRP A 31 -6.28 5.72 -9.01
CA TRP A 31 -5.28 6.59 -8.41
C TRP A 31 -4.21 5.79 -7.68
N ALA A 32 -4.65 4.97 -6.73
CA ALA A 32 -3.72 4.17 -5.93
C ALA A 32 -2.77 3.30 -6.75
N LEU A 33 -3.31 2.57 -7.73
CA LEU A 33 -2.47 1.68 -8.52
C LEU A 33 -1.49 2.41 -9.46
N VAL A 34 -1.99 3.38 -10.21
CA VAL A 34 -1.12 4.13 -11.11
C VAL A 34 -0.06 4.91 -10.33
N GLU A 35 -0.46 5.53 -9.22
CA GLU A 35 0.50 6.30 -8.42
C GLU A 35 1.63 5.39 -7.94
N ALA A 36 1.29 4.14 -7.60
CA ALA A 36 2.30 3.18 -7.16
C ALA A 36 3.27 2.90 -8.32
N ASP A 37 2.71 2.66 -9.51
CA ASP A 37 3.55 2.40 -10.68
C ASP A 37 4.47 3.58 -10.98
N LEU A 38 3.92 4.79 -10.88
CA LEU A 38 4.70 6.00 -11.13
C LEU A 38 5.94 6.07 -10.24
N ARG A 39 5.77 5.68 -8.98
CA ARG A 39 6.86 5.71 -8.02
C ARG A 39 7.80 4.51 -8.12
N GLY A 40 7.53 3.63 -9.09
CA GLY A 40 8.38 2.47 -9.27
C GLY A 40 8.03 1.32 -8.34
N VAL A 41 6.87 1.39 -7.72
CA VAL A 41 6.43 0.33 -6.81
C VAL A 41 5.40 -0.54 -7.55
N GLY A 42 5.88 -1.25 -8.58
CA GLY A 42 5.02 -2.10 -9.38
C GLY A 42 4.28 -3.19 -8.60
N SER A 43 4.84 -3.58 -7.48
CA SER A 43 4.24 -4.62 -6.63
C SER A 43 2.83 -4.22 -6.19
N HIS A 44 2.56 -2.91 -6.18
CA HIS A 44 1.25 -2.42 -5.77
C HIS A 44 0.58 -1.57 -6.86
N GLY A 45 0.99 -1.78 -8.11
CA GLY A 45 0.42 -1.01 -9.21
C GLY A 45 -0.65 -1.74 -10.00
N LEU A 46 -0.80 -1.38 -11.28
CA LEU A 46 -1.81 -1.99 -12.15
C LEU A 46 -1.72 -3.50 -12.18
N LEU A 47 -0.60 -4.05 -11.73
CA LEU A 47 -0.42 -5.49 -11.67
C LEU A 47 -1.57 -6.07 -10.85
N ARG A 48 -2.08 -5.26 -9.92
CA ARG A 48 -3.16 -5.68 -9.02
C ARG A 48 -4.58 -5.47 -9.59
N LEU A 49 -4.72 -4.66 -10.61
CA LEU A 49 -6.06 -4.39 -11.15
C LEU A 49 -6.86 -5.63 -11.50
N PRO A 50 -6.26 -6.62 -12.20
CA PRO A 50 -7.04 -7.80 -12.54
C PRO A 50 -7.71 -8.49 -11.35
N VAL A 51 -6.95 -8.81 -10.31
CA VAL A 51 -7.54 -9.48 -9.15
C VAL A 51 -8.56 -8.57 -8.45
N TYR A 52 -8.28 -7.27 -8.38
CA TYR A 52 -9.22 -6.33 -7.76
C TYR A 52 -10.57 -6.41 -8.48
N VAL A 53 -10.54 -6.37 -9.81
CA VAL A 53 -11.77 -6.44 -10.59
C VAL A 53 -12.46 -7.79 -10.44
N ARG A 54 -11.67 -8.87 -10.38
CA ARG A 54 -12.25 -10.20 -10.22
C ARG A 54 -12.95 -10.34 -8.87
N ARG A 55 -12.42 -9.67 -7.85
CA ARG A 55 -13.01 -9.72 -6.51
C ARG A 55 -14.38 -9.03 -6.59
N LEU A 56 -14.45 -7.92 -7.33
CA LEU A 56 -15.71 -7.19 -7.49
C LEU A 56 -16.69 -8.06 -8.26
N GLU A 57 -16.23 -8.61 -9.37
CA GLU A 57 -17.04 -9.48 -10.23
C GLU A 57 -17.67 -10.63 -9.43
N ALA A 58 -16.86 -11.25 -8.57
CA ALA A 58 -17.29 -12.38 -7.76
C ALA A 58 -18.27 -11.99 -6.65
N GLY A 59 -18.45 -10.68 -6.45
CA GLY A 59 -19.36 -10.19 -5.42
C GLY A 59 -18.76 -10.10 -4.03
N LEU A 60 -17.43 -9.97 -3.98
CA LEU A 60 -16.72 -9.90 -2.71
C LEU A 60 -16.30 -8.48 -2.32
N VAL A 61 -16.71 -7.50 -3.13
CA VAL A 61 -16.38 -6.10 -2.87
C VAL A 61 -17.61 -5.21 -3.01
N ASN A 62 -17.77 -4.27 -2.08
CA ASN A 62 -18.89 -3.33 -2.12
C ASN A 62 -18.50 -2.26 -3.14
N PRO A 63 -19.24 -2.16 -4.26
CA PRO A 63 -18.95 -1.17 -5.28
C PRO A 63 -19.28 0.28 -4.93
N SER A 64 -20.16 0.47 -3.95
CA SER A 64 -20.55 1.83 -3.56
C SER A 64 -20.86 1.93 -2.07
N PRO A 65 -19.84 1.80 -1.22
CA PRO A 65 -20.01 1.88 0.23
C PRO A 65 -20.40 3.28 0.69
N THR A 66 -21.10 3.33 1.82
CA THR A 66 -21.52 4.60 2.43
C THR A 66 -20.38 5.07 3.33
N LEU A 67 -19.62 4.12 3.86
CA LEU A 67 -18.47 4.42 4.72
C LEU A 67 -18.80 5.17 6.02
N PRO A 68 -19.62 4.55 6.89
CA PRO A 68 -20.01 5.14 8.17
C PRO A 68 -18.80 5.47 9.04
N LEU A 69 -18.75 6.70 9.56
CA LEU A 69 -17.65 7.14 10.40
C LEU A 69 -18.18 7.56 11.77
N GLU A 70 -17.59 7.03 12.84
CA GLU A 70 -18.02 7.39 14.19
C GLU A 70 -16.87 8.07 14.93
N GLU A 71 -17.05 9.33 15.28
CA GLU A 71 -16.02 10.08 15.98
C GLU A 71 -16.21 10.07 17.50
N ARG A 72 -15.09 10.02 18.21
CA ARG A 72 -15.07 10.02 19.66
C ARG A 72 -13.85 10.83 20.07
N GLY A 73 -13.98 12.16 20.05
CA GLY A 73 -12.84 12.99 20.40
C GLY A 73 -11.80 12.86 19.31
N PRO A 74 -10.52 12.66 19.65
CA PRO A 74 -9.46 12.53 18.65
C PRO A 74 -9.40 11.16 17.98
N VAL A 75 -10.36 10.30 18.32
CA VAL A 75 -10.43 8.96 17.77
C VAL A 75 -11.68 8.77 16.92
N ALA A 76 -11.56 7.99 15.86
CA ALA A 76 -12.69 7.71 14.98
C ALA A 76 -12.59 6.30 14.43
N LEU A 77 -13.75 5.66 14.26
CA LEU A 77 -13.82 4.32 13.71
C LEU A 77 -14.54 4.41 12.38
N LEU A 78 -13.96 3.78 11.36
CA LEU A 78 -14.54 3.81 10.02
C LEU A 78 -14.94 2.41 9.58
N ASP A 79 -16.17 2.28 9.10
CA ASP A 79 -16.69 1.00 8.60
C ASP A 79 -16.53 1.05 7.09
N GLY A 80 -15.60 0.26 6.56
CA GLY A 80 -15.37 0.25 5.14
C GLY A 80 -16.47 -0.44 4.33
N GLU A 81 -17.31 -1.20 5.02
CA GLU A 81 -18.41 -1.92 4.39
C GLU A 81 -17.97 -2.79 3.21
N HIS A 82 -16.76 -3.32 3.31
CA HIS A 82 -16.18 -4.17 2.28
C HIS A 82 -15.92 -3.47 0.95
N GLY A 83 -15.71 -2.15 0.99
CA GLY A 83 -15.42 -1.42 -0.23
C GLY A 83 -13.98 -1.60 -0.64
N PHE A 84 -13.61 -1.11 -1.83
CA PHE A 84 -12.23 -1.22 -2.30
C PHE A 84 -11.33 -0.49 -1.32
N GLY A 85 -10.21 -1.12 -0.96
CA GLY A 85 -9.28 -0.53 -0.01
C GLY A 85 -8.93 0.94 -0.23
N PRO A 86 -8.52 1.32 -1.45
CA PRO A 86 -8.15 2.72 -1.74
C PRO A 86 -9.29 3.71 -1.46
N ARG A 87 -10.52 3.31 -1.76
CA ARG A 87 -11.68 4.15 -1.52
C ARG A 87 -11.85 4.34 -0.02
N VAL A 88 -11.76 3.24 0.72
CA VAL A 88 -11.90 3.29 2.18
C VAL A 88 -10.76 4.09 2.83
N ALA A 89 -9.53 3.79 2.42
CA ALA A 89 -8.36 4.45 2.97
C ALA A 89 -8.34 5.95 2.75
N LEU A 90 -8.78 6.40 1.57
CA LEU A 90 -8.79 7.83 1.29
C LEU A 90 -9.75 8.56 2.23
N LYS A 91 -10.86 7.92 2.59
CA LYS A 91 -11.77 8.58 3.51
C LYS A 91 -11.13 8.60 4.89
N ALA A 92 -10.39 7.54 5.23
CA ALA A 92 -9.71 7.49 6.52
C ALA A 92 -8.69 8.61 6.62
N VAL A 93 -8.02 8.90 5.50
CA VAL A 93 -7.03 9.98 5.46
C VAL A 93 -7.70 11.32 5.76
N GLU A 94 -8.84 11.56 5.10
CA GLU A 94 -9.56 12.79 5.31
C GLU A 94 -10.00 12.93 6.77
N ALA A 95 -10.52 11.84 7.34
CA ALA A 95 -10.98 11.87 8.72
C ALA A 95 -9.81 12.11 9.69
N ALA A 96 -8.68 11.47 9.44
CA ALA A 96 -7.52 11.62 10.28
C ALA A 96 -7.00 13.05 10.32
N GLN A 97 -6.87 13.67 9.14
CA GLN A 97 -6.36 15.04 9.10
C GLN A 97 -7.36 16.00 9.74
N SER A 98 -8.65 15.73 9.56
CA SER A 98 -9.67 16.59 10.14
C SER A 98 -9.60 16.52 11.67
N LEU A 99 -9.43 15.32 12.21
CA LEU A 99 -9.34 15.14 13.65
C LEU A 99 -8.08 15.83 14.19
N ALA A 100 -6.96 15.65 13.49
CA ALA A 100 -5.70 16.25 13.90
C ALA A 100 -5.79 17.78 13.91
N ARG A 101 -6.49 18.35 12.93
CA ARG A 101 -6.62 19.80 12.86
C ARG A 101 -7.35 20.33 14.09
N ARG A 102 -8.32 19.56 14.55
CA ARG A 102 -9.11 19.96 15.71
C ARG A 102 -8.53 19.61 17.07
N HIS A 103 -7.94 18.43 17.19
CA HIS A 103 -7.40 18.00 18.48
C HIS A 103 -5.89 17.96 18.64
N GLY A 104 -5.17 18.12 17.53
CA GLY A 104 -3.71 18.08 17.61
C GLY A 104 -3.21 16.75 17.08
N LEU A 105 -4.09 15.76 17.11
CA LEU A 105 -3.78 14.43 16.60
C LEU A 105 -5.09 13.72 16.29
N GLY A 106 -5.03 12.73 15.39
CA GLY A 106 -6.23 12.00 15.05
C GLY A 106 -5.90 10.56 14.70
N ALA A 107 -6.63 9.63 15.31
CA ALA A 107 -6.41 8.22 15.04
C ALA A 107 -7.69 7.63 14.47
N VAL A 108 -7.55 6.89 13.36
CA VAL A 108 -8.69 6.29 12.72
C VAL A 108 -8.50 4.78 12.63
N GLY A 109 -9.43 4.03 13.21
CA GLY A 109 -9.38 2.59 13.17
C GLY A 109 -10.36 2.14 12.11
N VAL A 110 -9.87 1.45 11.09
CA VAL A 110 -10.70 0.99 9.98
C VAL A 110 -10.96 -0.51 10.00
N ARG A 111 -12.22 -0.89 9.80
CA ARG A 111 -12.59 -2.30 9.74
C ARG A 111 -13.35 -2.54 8.44
N ARG A 112 -13.49 -3.81 8.07
CA ARG A 112 -14.19 -4.20 6.85
C ARG A 112 -13.72 -3.48 5.58
N SER A 113 -12.41 -3.47 5.38
CA SER A 113 -11.84 -2.87 4.18
C SER A 113 -11.26 -4.04 3.39
N THR A 114 -10.52 -3.74 2.34
CA THR A 114 -9.89 -4.75 1.50
C THR A 114 -8.49 -4.23 1.18
N HIS A 115 -7.70 -5.02 0.46
CA HIS A 115 -6.33 -4.61 0.11
C HIS A 115 -6.36 -3.16 -0.38
N PHE A 116 -5.54 -2.30 0.23
CA PHE A 116 -5.55 -0.89 -0.16
C PHE A 116 -4.36 -0.37 -0.96
N GLY A 117 -3.53 -1.29 -1.45
CA GLY A 117 -2.38 -0.88 -2.22
C GLY A 117 -1.20 -0.43 -1.39
N MET A 118 -0.46 0.56 -1.93
CA MET A 118 0.73 1.10 -1.27
C MET A 118 0.42 1.99 -0.07
N ALA A 119 0.72 1.49 1.13
CA ALA A 119 0.46 2.23 2.36
C ALA A 119 1.11 3.61 2.36
N GLY A 120 2.29 3.70 1.76
CA GLY A 120 2.99 4.98 1.71
C GLY A 120 2.24 6.10 1.04
N LEU A 121 1.32 5.76 0.12
CA LEU A 121 0.55 6.77 -0.57
C LEU A 121 -0.34 7.56 0.39
N TYR A 122 -0.92 6.87 1.35
CA TYR A 122 -1.80 7.50 2.33
C TYR A 122 -1.01 8.31 3.34
N ALA A 123 0.13 7.78 3.77
CA ALA A 123 0.97 8.50 4.72
C ALA A 123 1.45 9.78 4.04
N GLU A 124 1.87 9.66 2.78
CA GLU A 124 2.35 10.82 2.02
C GLU A 124 1.27 11.90 1.90
N LYS A 125 0.04 11.48 1.59
CA LYS A 125 -1.05 12.43 1.45
C LYS A 125 -1.26 13.21 2.75
N LEU A 126 -1.18 12.50 3.88
CA LEU A 126 -1.35 13.15 5.17
C LEU A 126 -0.23 14.15 5.44
N ALA A 127 1.01 13.76 5.09
CA ALA A 127 2.17 14.63 5.29
C ALA A 127 2.08 15.89 4.45
N ARG A 128 1.48 15.78 3.26
CA ARG A 128 1.34 16.94 2.39
C ARG A 128 0.35 17.95 2.97
N GLU A 129 -0.36 17.52 4.01
CA GLU A 129 -1.31 18.40 4.69
C GLU A 129 -0.63 19.02 5.90
N GLY A 130 0.64 18.69 6.08
CA GLY A 130 1.41 19.24 7.18
C GLY A 130 1.53 18.36 8.43
N PHE A 131 1.04 17.13 8.34
CA PHE A 131 1.07 16.24 9.49
C PHE A 131 2.14 15.16 9.45
N VAL A 132 2.50 14.66 10.63
CA VAL A 132 3.43 13.54 10.72
C VAL A 132 2.41 12.42 10.61
N ALA A 133 2.66 11.44 9.75
CA ALA A 133 1.69 10.37 9.56
C ALA A 133 2.22 8.97 9.74
N TRP A 134 1.37 8.10 10.28
CA TRP A 134 1.69 6.71 10.54
C TRP A 134 0.48 5.91 10.02
N VAL A 135 0.72 5.02 9.07
CA VAL A 135 -0.34 4.21 8.46
C VAL A 135 0.02 2.72 8.43
N THR A 136 -0.89 1.87 8.89
CA THR A 136 -0.65 0.43 8.90
C THR A 136 -1.88 -0.33 8.39
N THR A 137 -1.64 -1.56 7.93
CA THR A 137 -2.73 -2.40 7.48
C THR A 137 -2.30 -3.84 7.71
N ASN A 138 -3.24 -4.70 8.06
CA ASN A 138 -2.88 -6.09 8.24
C ASN A 138 -3.23 -6.78 6.92
N ALA A 139 -3.01 -8.09 6.85
CA ALA A 139 -3.29 -8.84 5.63
C ALA A 139 -3.37 -10.31 5.98
N GLU A 140 -3.97 -11.10 5.10
CA GLU A 140 -4.08 -12.54 5.33
C GLU A 140 -2.67 -13.09 5.53
N PRO A 141 -2.51 -14.09 6.41
CA PRO A 141 -1.20 -14.67 6.70
C PRO A 141 -0.43 -15.22 5.49
N ASP A 142 0.82 -14.78 5.36
CA ASP A 142 1.71 -15.22 4.29
C ASP A 142 3.09 -15.39 4.89
N VAL A 143 3.22 -14.99 6.15
CA VAL A 143 4.52 -15.01 6.83
C VAL A 143 4.59 -15.90 8.07
N VAL A 144 5.67 -16.64 8.20
CA VAL A 144 5.84 -17.48 9.36
C VAL A 144 6.26 -16.59 10.52
N PRO A 145 5.85 -16.94 11.74
CA PRO A 145 6.25 -16.10 12.87
C PRO A 145 7.68 -16.53 13.17
N PHE A 146 8.43 -15.72 13.90
CA PHE A 146 9.80 -16.12 14.22
C PHE A 146 9.75 -17.42 15.01
N GLY A 147 10.52 -18.42 14.58
CA GLY A 147 10.54 -19.69 15.28
C GLY A 147 9.44 -20.65 14.86
N GLY A 148 8.61 -20.24 13.89
CA GLY A 148 7.53 -21.09 13.43
C GLY A 148 7.72 -21.57 12.01
N ARG A 149 6.98 -22.61 11.63
CA ARG A 149 7.10 -23.14 10.27
C ARG A 149 5.82 -23.04 9.44
N GLU A 150 4.76 -22.45 10.00
CA GLU A 150 3.51 -22.28 9.26
C GLU A 150 3.14 -20.79 9.25
N LYS A 151 2.43 -20.36 8.21
CA LYS A 151 2.02 -18.95 8.10
C LYS A 151 1.16 -18.57 9.30
N ALA A 152 1.41 -17.40 9.88
CA ALA A 152 0.63 -16.95 11.02
C ALA A 152 0.26 -15.46 10.92
N LEU A 153 1.06 -14.68 10.19
CA LEU A 153 0.81 -13.25 10.05
C LEU A 153 0.96 -12.75 8.61
N GLY A 154 0.25 -11.67 8.30
CA GLY A 154 0.35 -11.10 6.97
C GLY A 154 1.65 -10.32 6.83
N THR A 155 1.97 -9.86 5.61
CA THR A 155 3.18 -9.09 5.38
C THR A 155 3.08 -7.76 6.14
N ASN A 156 1.87 -7.51 6.65
CA ASN A 156 1.56 -6.35 7.48
C ASN A 156 2.50 -5.16 7.36
N PRO A 157 2.34 -4.35 6.30
CA PRO A 157 3.22 -3.20 6.13
C PRO A 157 2.87 -2.00 6.99
N LEU A 158 3.85 -1.12 7.16
CA LEU A 158 3.66 0.10 7.91
C LEU A 158 4.28 1.22 7.07
N ALA A 159 3.70 2.39 7.14
CA ALA A 159 4.19 3.54 6.38
C ALA A 159 4.22 4.71 7.34
N PHE A 160 5.15 5.63 7.10
CA PHE A 160 5.33 6.81 7.94
C PHE A 160 5.74 7.95 7.02
N ALA A 161 5.29 9.17 7.32
CA ALA A 161 5.65 10.32 6.48
C ALA A 161 5.68 11.60 7.30
N ALA A 162 6.46 12.56 6.82
CA ALA A 162 6.58 13.85 7.47
C ALA A 162 7.08 14.86 6.46
N PRO A 163 6.55 16.09 6.52
CA PRO A 163 6.97 17.13 5.57
C PRO A 163 8.36 17.67 5.90
N ALA A 164 9.08 18.06 4.85
CA ALA A 164 10.42 18.65 4.99
C ALA A 164 10.55 19.72 3.91
N PRO A 165 11.48 20.67 4.09
CA PRO A 165 11.64 21.70 3.06
C PRO A 165 12.00 21.09 1.70
N GLN A 166 12.83 20.05 1.74
CA GLN A 166 13.28 19.39 0.51
C GLN A 166 12.26 18.48 -0.15
N GLY A 167 11.24 18.08 0.62
CA GLY A 167 10.22 17.21 0.08
C GLY A 167 9.50 16.46 1.19
N ILE A 168 8.83 15.36 0.83
CA ILE A 168 8.10 14.58 1.80
C ILE A 168 8.85 13.27 2.10
N LEU A 169 9.26 13.11 3.36
CA LEU A 169 9.94 11.88 3.74
C LEU A 169 8.82 10.85 3.82
N VAL A 170 8.97 9.76 3.08
CA VAL A 170 7.95 8.71 3.08
C VAL A 170 8.59 7.34 3.14
N ALA A 171 8.27 6.61 4.20
CA ALA A 171 8.76 5.25 4.37
C ALA A 171 7.57 4.33 4.13
N ASP A 172 7.83 3.23 3.45
CA ASP A 172 6.80 2.25 3.11
C ASP A 172 7.51 0.90 3.21
N LEU A 173 7.11 0.06 4.17
CA LEU A 173 7.77 -1.25 4.31
C LEU A 173 6.92 -2.37 4.87
N ALA A 174 7.02 -3.54 4.23
CA ALA A 174 6.33 -4.74 4.70
C ALA A 174 7.19 -5.17 5.89
N THR A 175 6.58 -5.79 6.89
CA THR A 175 7.34 -6.23 8.05
C THR A 175 8.04 -7.57 7.85
N SER A 176 7.77 -8.19 6.70
CA SER A 176 8.42 -9.44 6.34
C SER A 176 9.61 -9.00 5.50
N GLU A 177 10.56 -9.90 5.24
CA GLU A 177 11.73 -9.55 4.42
C GLU A 177 11.28 -8.82 3.16
N SER A 178 10.23 -9.34 2.54
CA SER A 178 9.69 -8.75 1.32
C SER A 178 8.16 -8.84 1.27
N ALA A 179 7.55 -7.96 0.48
CA ALA A 179 6.09 -7.99 0.34
C ALA A 179 5.77 -9.09 -0.65
N MET A 180 4.56 -9.65 -0.59
CA MET A 180 4.19 -10.71 -1.51
C MET A 180 4.06 -10.12 -2.91
N GLY A 181 3.72 -8.82 -2.98
CA GLY A 181 3.58 -8.17 -4.27
C GLY A 181 4.87 -8.18 -5.07
N LYS A 182 6.00 -8.17 -4.38
CA LYS A 182 7.30 -8.19 -5.04
C LYS A 182 7.55 -9.59 -5.60
N VAL A 183 6.97 -10.60 -4.94
CA VAL A 183 7.10 -11.98 -5.42
C VAL A 183 6.26 -12.08 -6.69
N PHE A 184 5.06 -11.50 -6.67
CA PHE A 184 4.19 -11.53 -7.83
C PHE A 184 4.83 -10.80 -9.00
N LEU A 185 5.45 -9.66 -8.72
CA LEU A 185 6.09 -8.87 -9.77
C LEU A 185 7.20 -9.69 -10.44
N ALA A 186 7.99 -10.38 -9.62
CA ALA A 186 9.07 -11.20 -10.14
C ALA A 186 8.51 -12.27 -11.08
N ARG A 187 7.36 -12.83 -10.72
CA ARG A 187 6.71 -13.85 -11.54
C ARG A 187 6.34 -13.27 -12.91
N GLU A 188 5.77 -12.07 -12.90
CA GLU A 188 5.36 -11.42 -14.14
C GLU A 188 6.56 -11.03 -15.00
N LYS A 189 7.65 -10.64 -14.35
CA LYS A 189 8.85 -10.23 -15.08
C LYS A 189 9.73 -11.41 -15.45
N GLY A 190 9.42 -12.58 -14.91
CA GLY A 190 10.22 -13.76 -15.19
C GLY A 190 11.61 -13.67 -14.58
N GLU A 191 11.67 -13.24 -13.32
CA GLU A 191 12.95 -13.09 -12.62
C GLU A 191 13.01 -13.94 -11.37
N ARG A 192 14.22 -14.25 -10.92
CA ARG A 192 14.42 -15.02 -9.70
C ARG A 192 14.34 -14.02 -8.56
N ILE A 193 14.14 -14.50 -7.33
CA ILE A 193 14.06 -13.61 -6.18
C ILE A 193 15.12 -13.99 -5.16
N PRO A 194 15.45 -13.07 -4.24
CA PRO A 194 16.46 -13.39 -3.22
C PRO A 194 15.92 -14.58 -2.43
N PRO A 195 16.74 -15.63 -2.26
CA PRO A 195 16.33 -16.84 -1.52
C PRO A 195 16.04 -16.64 -0.03
N SER A 196 16.38 -15.45 0.50
CA SER A 196 16.13 -15.18 1.91
C SER A 196 14.69 -14.67 2.14
N TRP A 197 13.99 -14.35 1.06
CA TRP A 197 12.62 -13.84 1.18
C TRP A 197 11.61 -14.86 1.70
N GLY A 198 11.65 -16.08 1.18
CA GLY A 198 10.70 -17.08 1.62
C GLY A 198 11.16 -18.51 1.42
N VAL A 199 10.29 -19.46 1.74
CA VAL A 199 10.59 -20.88 1.61
C VAL A 199 9.50 -21.60 0.80
N ASP A 200 9.85 -22.75 0.23
CA ASP A 200 8.86 -23.52 -0.53
C ASP A 200 7.97 -24.26 0.46
N ARG A 201 7.04 -25.07 -0.05
CA ARG A 201 6.13 -25.81 0.80
C ARG A 201 6.80 -26.85 1.69
N GLU A 202 8.10 -27.09 1.47
CA GLU A 202 8.83 -28.05 2.28
C GLU A 202 9.75 -27.36 3.28
N GLY A 203 9.63 -26.04 3.38
CA GLY A 203 10.44 -25.29 4.31
C GLY A 203 11.83 -24.93 3.85
N SER A 204 12.12 -25.14 2.56
CA SER A 204 13.44 -24.83 2.02
C SER A 204 13.45 -23.51 1.27
N PRO A 205 14.53 -22.72 1.42
CA PRO A 205 14.62 -21.44 0.73
C PRO A 205 14.55 -21.67 -0.78
N THR A 206 13.99 -20.71 -1.51
CA THR A 206 13.89 -20.85 -2.96
C THR A 206 14.00 -19.48 -3.62
N ASP A 207 14.64 -19.43 -4.78
CA ASP A 207 14.78 -18.18 -5.50
C ASP A 207 13.79 -18.13 -6.66
N ASP A 208 12.88 -19.09 -6.68
CA ASP A 208 11.84 -19.19 -7.70
C ASP A 208 10.55 -18.62 -7.11
N PRO A 209 10.13 -17.43 -7.58
CA PRO A 209 8.90 -16.79 -7.07
C PRO A 209 7.64 -17.64 -7.26
N HIS A 210 7.66 -18.53 -8.24
CA HIS A 210 6.52 -19.40 -8.50
C HIS A 210 6.43 -20.52 -7.47
N ARG A 211 7.50 -20.73 -6.72
CA ARG A 211 7.51 -21.80 -5.73
C ARG A 211 7.55 -21.34 -4.28
N VAL A 212 7.33 -20.04 -4.06
CA VAL A 212 7.34 -19.52 -2.71
C VAL A 212 6.05 -19.89 -2.00
N TYR A 213 6.16 -20.53 -0.84
CA TYR A 213 4.97 -20.89 -0.09
C TYR A 213 4.70 -19.86 0.99
N ALA A 214 5.71 -19.62 1.82
CA ALA A 214 5.58 -18.66 2.91
C ALA A 214 6.77 -17.71 2.94
N LEU A 215 6.55 -16.50 3.42
CA LEU A 215 7.61 -15.50 3.51
C LEU A 215 8.19 -15.53 4.92
N ARG A 216 9.36 -14.93 5.09
CA ARG A 216 10.00 -14.88 6.40
C ARG A 216 9.96 -13.46 6.96
N PRO A 217 9.92 -13.32 8.28
CA PRO A 217 9.87 -12.00 8.92
C PRO A 217 11.19 -11.26 8.72
N LEU A 218 11.14 -9.93 8.66
CA LEU A 218 12.34 -9.12 8.49
C LEU A 218 13.28 -9.30 9.67
N GLY A 219 14.50 -9.74 9.39
CA GLY A 219 15.48 -9.92 10.45
C GLY A 219 15.00 -10.76 11.63
N GLY A 220 14.33 -11.86 11.32
CA GLY A 220 13.85 -12.76 12.36
C GLY A 220 12.86 -12.19 13.36
N PRO A 221 13.23 -12.17 14.65
CA PRO A 221 12.37 -11.66 15.72
C PRO A 221 11.87 -10.22 15.60
N LYS A 222 12.71 -9.33 15.09
CA LYS A 222 12.31 -7.94 14.96
C LYS A 222 11.16 -7.72 13.97
N GLY A 223 11.25 -8.33 12.79
CA GLY A 223 10.18 -8.17 11.81
C GLY A 223 8.90 -8.84 12.29
N TYR A 224 9.06 -9.90 13.07
CA TYR A 224 7.94 -10.64 13.64
C TYR A 224 7.23 -9.72 14.65
N ALA A 225 8.00 -9.04 15.48
CA ALA A 225 7.45 -8.13 16.48
C ALA A 225 6.74 -6.98 15.77
N LEU A 226 7.34 -6.47 14.69
CA LEU A 226 6.73 -5.38 13.94
C LEU A 226 5.43 -5.82 13.30
N ALA A 227 5.38 -7.07 12.83
CA ALA A 227 4.17 -7.59 12.21
C ALA A 227 3.05 -7.65 13.25
N LEU A 228 3.40 -7.99 14.48
CA LEU A 228 2.41 -8.06 15.56
C LEU A 228 1.90 -6.67 15.93
N LEU A 229 2.80 -5.69 15.92
CA LEU A 229 2.42 -4.32 16.23
C LEU A 229 1.38 -3.87 15.19
N VAL A 230 1.67 -4.15 13.93
CA VAL A 230 0.77 -3.80 12.85
C VAL A 230 -0.57 -4.54 13.00
N GLU A 231 -0.49 -5.81 13.41
CA GLU A 231 -1.71 -6.60 13.59
C GLU A 231 -2.58 -6.06 14.72
N VAL A 232 -1.95 -5.67 15.83
CA VAL A 232 -2.69 -5.14 16.96
C VAL A 232 -3.39 -3.84 16.60
N LEU A 233 -2.65 -2.92 15.99
CA LEU A 233 -3.21 -1.63 15.60
C LEU A 233 -4.24 -1.71 14.47
N SER A 234 -3.94 -2.48 13.43
CA SER A 234 -4.82 -2.60 12.27
C SER A 234 -5.99 -3.56 12.42
N GLY A 235 -5.76 -4.67 13.10
CA GLY A 235 -6.81 -5.67 13.25
C GLY A 235 -7.47 -5.81 14.59
N VAL A 236 -6.70 -6.17 15.61
CA VAL A 236 -7.25 -6.38 16.96
C VAL A 236 -7.99 -5.16 17.50
N LEU A 237 -7.34 -4.01 17.42
CA LEU A 237 -7.89 -2.74 17.92
C LEU A 237 -9.10 -2.18 17.16
N THR A 238 -9.18 -2.46 15.87
CA THR A 238 -10.25 -1.91 15.03
C THR A 238 -11.58 -2.66 14.92
N GLY A 239 -11.57 -3.96 15.16
CA GLY A 239 -12.80 -4.73 15.02
C GLY A 239 -12.82 -5.42 13.66
N ALA A 240 -11.72 -5.32 12.94
CA ALA A 240 -11.60 -5.92 11.62
C ALA A 240 -11.18 -7.39 11.73
N GLY A 241 -10.85 -8.00 10.61
CA GLY A 241 -10.40 -9.38 10.65
C GLY A 241 -9.04 -9.40 11.32
N VAL A 242 -8.71 -10.50 11.98
CA VAL A 242 -7.42 -10.62 12.66
C VAL A 242 -6.67 -11.84 12.15
N ALA A 243 -5.48 -11.61 11.58
CA ALA A 243 -4.64 -12.67 11.06
C ALA A 243 -5.39 -13.71 10.24
N HIS A 244 -5.40 -14.94 10.74
CA HIS A 244 -6.06 -16.06 10.07
C HIS A 244 -7.54 -15.80 9.81
N GLY A 245 -8.10 -14.80 10.47
CA GLY A 245 -9.50 -14.48 10.27
C GLY A 245 -9.74 -13.58 9.07
N ILE A 246 -8.65 -13.08 8.48
CA ILE A 246 -8.75 -12.22 7.31
C ILE A 246 -8.88 -13.08 6.05
N GLY A 247 -9.86 -12.78 5.21
CA GLY A 247 -10.03 -13.55 3.98
C GLY A 247 -8.87 -13.36 3.02
N ARG A 248 -8.46 -14.43 2.35
CA ARG A 248 -7.35 -14.38 1.40
C ARG A 248 -7.83 -13.88 0.04
N MET A 249 -7.35 -12.71 -0.37
CA MET A 249 -7.76 -12.12 -1.64
C MET A 249 -7.53 -13.00 -2.85
N TYR A 250 -6.43 -13.76 -2.84
CA TYR A 250 -6.09 -14.62 -3.95
C TYR A 250 -6.62 -16.05 -3.87
N ASP A 251 -6.92 -16.53 -2.66
CA ASP A 251 -7.35 -17.91 -2.49
C ASP A 251 -8.77 -18.21 -2.00
N GLU A 252 -9.43 -17.24 -1.37
CA GLU A 252 -10.78 -17.51 -0.85
C GLU A 252 -11.82 -16.62 -1.51
N TRP A 253 -12.71 -17.25 -2.26
CA TRP A 253 -13.74 -16.52 -3.00
C TRP A 253 -15.14 -16.67 -2.43
N ASP A 254 -15.23 -17.10 -1.18
CA ASP A 254 -16.53 -17.29 -0.54
C ASP A 254 -17.08 -16.07 0.20
N ARG A 255 -16.18 -15.21 0.68
CA ARG A 255 -16.63 -14.02 1.41
C ARG A 255 -15.59 -12.89 1.38
N PRO A 256 -16.02 -11.66 1.74
CA PRO A 256 -15.11 -10.51 1.75
C PRO A 256 -13.97 -10.72 2.74
N GLN A 257 -12.88 -10.00 2.51
CA GLN A 257 -11.68 -10.09 3.35
C GLN A 257 -11.76 -9.62 4.80
N ASP A 258 -12.27 -8.41 4.98
CA ASP A 258 -12.35 -7.71 6.26
C ASP A 258 -10.94 -7.36 6.71
N VAL A 259 -10.26 -6.59 5.87
CA VAL A 259 -8.90 -6.12 6.17
C VAL A 259 -9.07 -4.90 7.07
N GLY A 260 -8.10 -4.69 7.97
CA GLY A 260 -8.19 -3.53 8.83
C GLY A 260 -7.01 -2.59 8.60
N HIS A 261 -7.20 -1.31 8.90
CA HIS A 261 -6.13 -0.33 8.76
C HIS A 261 -6.13 0.57 9.98
N PHE A 262 -4.99 1.20 10.23
CA PHE A 262 -4.87 2.14 11.35
C PHE A 262 -4.12 3.34 10.81
N LEU A 263 -4.65 4.54 11.06
CA LEU A 263 -4.00 5.75 10.61
C LEU A 263 -3.91 6.75 11.75
N LEU A 264 -2.75 7.37 11.89
CA LEU A 264 -2.52 8.36 12.93
C LEU A 264 -1.87 9.59 12.31
N ALA A 265 -2.42 10.76 12.61
CA ALA A 265 -1.88 12.02 12.10
C ALA A 265 -1.56 12.86 13.32
N LEU A 266 -0.36 13.45 13.32
CA LEU A 266 0.09 14.30 14.43
C LEU A 266 0.39 15.70 13.90
N ASP A 267 -0.11 16.71 14.58
CA ASP A 267 0.13 18.09 14.16
C ASP A 267 1.38 18.61 14.87
N PRO A 268 2.48 18.77 14.13
CA PRO A 268 3.72 19.27 14.76
C PRO A 268 3.52 20.63 15.41
N GLY A 269 2.46 21.34 15.00
CA GLY A 269 2.16 22.64 15.57
C GLY A 269 1.83 22.52 17.05
N ARG A 270 1.42 21.33 17.48
CA ARG A 270 1.08 21.09 18.88
C ARG A 270 2.27 20.62 19.68
N PHE A 271 3.38 20.38 18.97
CA PHE A 271 4.60 19.93 19.62
C PHE A 271 5.65 21.04 19.55
N VAL A 272 6.76 20.80 18.85
CA VAL A 272 7.81 21.80 18.76
C VAL A 272 7.35 23.04 17.97
N GLY A 273 6.32 22.88 17.16
CA GLY A 273 5.83 24.01 16.38
C GLY A 273 5.99 23.73 14.89
N LYS A 274 5.05 24.22 14.08
CA LYS A 274 5.08 24.00 12.64
C LYS A 274 6.36 24.49 11.94
N GLU A 275 6.71 25.76 12.14
CA GLU A 275 7.90 26.31 11.49
C GLU A 275 9.18 25.64 11.98
N ALA A 276 9.28 25.46 13.30
CA ALA A 276 10.45 24.82 13.88
C ALA A 276 10.57 23.38 13.35
N PHE A 277 9.46 22.67 13.29
CA PHE A 277 9.47 21.29 12.80
C PHE A 277 10.07 21.20 11.40
N LEU A 278 9.60 22.07 10.50
CA LEU A 278 10.09 22.06 9.13
C LEU A 278 11.58 22.37 9.05
N GLU A 279 12.06 23.33 9.83
CA GLU A 279 13.46 23.68 9.83
C GLU A 279 14.30 22.52 10.36
N ARG A 280 13.80 21.87 11.40
CA ARG A 280 14.50 20.74 11.99
C ARG A 280 14.52 19.56 11.02
N MET A 281 13.40 19.33 10.33
CA MET A 281 13.35 18.25 9.34
C MET A 281 14.36 18.56 8.24
N GLY A 282 14.44 19.84 7.86
CA GLY A 282 15.35 20.25 6.82
C GLY A 282 16.81 19.99 7.16
N ALA A 283 17.16 20.18 8.43
CA ALA A 283 18.54 19.95 8.88
C ALA A 283 18.85 18.45 8.89
N LEU A 284 17.86 17.64 9.27
CA LEU A 284 18.06 16.21 9.31
C LEU A 284 18.24 15.70 7.88
N TRP A 285 17.36 16.17 6.98
CA TRP A 285 17.42 15.79 5.58
C TRP A 285 18.80 16.15 5.01
N GLN A 286 19.22 17.38 5.25
CA GLN A 286 20.51 17.87 4.80
C GLN A 286 21.66 17.00 5.29
N ALA A 287 21.61 16.63 6.58
CA ALA A 287 22.66 15.81 7.16
C ALA A 287 22.76 14.44 6.50
N LEU A 288 21.63 13.82 6.22
CA LEU A 288 21.63 12.51 5.58
C LEU A 288 22.19 12.61 4.16
N LYS A 289 21.80 13.65 3.43
CA LYS A 289 22.29 13.84 2.07
C LYS A 289 23.78 14.12 2.03
N ALA A 290 24.31 14.67 3.12
CA ALA A 290 25.74 15.00 3.18
C ALA A 290 26.61 13.83 3.65
N THR A 291 25.99 12.71 3.99
CA THR A 291 26.72 11.53 4.43
C THR A 291 27.46 10.86 3.27
N PRO A 292 28.77 10.61 3.42
CA PRO A 292 29.56 9.96 2.36
C PRO A 292 28.93 8.61 2.01
N PRO A 293 28.77 8.32 0.72
CA PRO A 293 28.17 7.04 0.28
C PRO A 293 29.05 5.82 0.48
N ALA A 294 28.41 4.67 0.63
CA ALA A 294 29.11 3.41 0.79
C ALA A 294 29.43 2.92 -0.62
N PRO A 295 30.36 1.97 -0.75
CA PRO A 295 30.70 1.46 -2.08
C PRO A 295 29.45 1.00 -2.82
N GLY A 296 29.34 1.35 -4.09
CA GLY A 296 28.18 0.93 -4.87
C GLY A 296 27.04 1.93 -4.82
N HIS A 297 27.23 3.01 -4.07
CA HIS A 297 26.22 4.05 -3.94
C HIS A 297 26.81 5.39 -4.35
N GLU A 298 26.02 6.20 -5.05
CA GLU A 298 26.48 7.51 -5.48
C GLU A 298 26.23 8.53 -4.38
N GLU A 299 25.16 8.32 -3.62
CA GLU A 299 24.79 9.22 -2.54
C GLU A 299 23.73 8.57 -1.68
N VAL A 300 23.51 9.14 -0.50
CA VAL A 300 22.50 8.63 0.41
C VAL A 300 21.17 9.29 0.04
N PHE A 301 20.11 8.50 0.03
CA PHE A 301 18.78 9.01 -0.29
C PHE A 301 17.86 8.84 0.91
N LEU A 302 16.89 9.74 1.03
CA LEU A 302 15.89 9.71 2.07
C LEU A 302 14.79 8.78 1.63
N PRO A 303 14.09 8.10 2.56
CA PRO A 303 12.97 7.26 2.16
C PRO A 303 11.99 8.12 1.36
N GLY A 304 11.59 7.61 0.20
CA GLY A 304 10.65 8.35 -0.63
C GLY A 304 11.30 9.25 -1.66
N GLU A 305 12.57 9.58 -1.48
CA GLU A 305 13.26 10.47 -2.41
C GLU A 305 13.36 9.90 -3.82
N LEU A 306 13.85 8.67 -3.94
CA LEU A 306 13.97 8.07 -5.26
C LEU A 306 12.59 7.85 -5.86
N GLU A 307 11.62 7.53 -5.02
CA GLU A 307 10.26 7.31 -5.48
C GLU A 307 9.70 8.58 -6.11
N ALA A 308 9.98 9.72 -5.49
CA ALA A 308 9.51 11.00 -6.00
C ALA A 308 10.20 11.31 -7.33
N ARG A 309 11.48 10.97 -7.43
CA ARG A 309 12.23 11.20 -8.65
C ARG A 309 11.67 10.33 -9.78
N ARG A 310 11.36 9.09 -9.45
CA ARG A 310 10.80 8.18 -10.45
C ARG A 310 9.45 8.65 -10.95
N ARG A 311 8.63 9.18 -10.06
CA ARG A 311 7.31 9.67 -10.42
C ARG A 311 7.42 10.81 -11.43
N GLU A 312 8.31 11.76 -11.15
CA GLU A 312 8.51 12.89 -12.06
C GLU A 312 8.92 12.39 -13.43
N ARG A 313 9.89 11.48 -13.45
CA ARG A 313 10.39 10.90 -14.69
C ARG A 313 9.30 10.17 -15.46
N ALA A 314 8.52 9.34 -14.76
CA ALA A 314 7.45 8.57 -15.39
C ALA A 314 6.35 9.47 -15.94
N LEU A 315 6.09 10.59 -15.28
CA LEU A 315 5.08 11.53 -15.74
C LEU A 315 5.55 12.21 -17.03
N ALA A 316 6.86 12.24 -17.23
CA ALA A 316 7.44 12.88 -18.41
C ALA A 316 7.75 11.90 -19.54
N GLU A 317 8.25 10.71 -19.18
CA GLU A 317 8.62 9.70 -20.18
C GLU A 317 7.69 8.50 -20.27
N GLY A 318 6.67 8.46 -19.42
CA GLY A 318 5.75 7.33 -19.42
C GLY A 318 6.18 6.28 -18.41
N MET A 319 5.24 5.46 -17.97
CA MET A 319 5.53 4.41 -16.99
C MET A 319 5.71 3.05 -17.66
N ALA A 320 6.55 2.21 -17.07
CA ALA A 320 6.82 0.88 -17.62
C ALA A 320 5.92 -0.17 -16.98
N LEU A 321 5.65 -1.24 -17.73
CA LEU A 321 4.83 -2.35 -17.25
C LEU A 321 5.38 -3.63 -17.87
N PRO A 322 5.42 -4.72 -17.09
CA PRO A 322 5.93 -5.99 -17.62
C PRO A 322 5.01 -6.47 -18.73
N GLU A 323 5.57 -7.11 -19.76
CA GLU A 323 4.77 -7.62 -20.86
C GLU A 323 3.63 -8.51 -20.39
N ARG A 324 3.89 -9.36 -19.40
CA ARG A 324 2.84 -10.25 -18.89
C ARG A 324 1.69 -9.48 -18.24
N VAL A 325 2.00 -8.39 -17.57
CA VAL A 325 0.96 -7.60 -16.92
C VAL A 325 0.08 -6.96 -18.01
N VAL A 326 0.72 -6.40 -19.03
CA VAL A 326 -0.02 -5.78 -20.12
C VAL A 326 -0.95 -6.80 -20.77
N ALA A 327 -0.44 -8.00 -21.01
CA ALA A 327 -1.24 -9.06 -21.62
C ALA A 327 -2.47 -9.34 -20.78
N GLU A 328 -2.31 -9.41 -19.46
CA GLU A 328 -3.44 -9.68 -18.58
C GLU A 328 -4.42 -8.49 -18.58
N LEU A 329 -3.88 -7.28 -18.60
CA LEU A 329 -4.72 -6.08 -18.60
C LEU A 329 -5.52 -6.04 -19.90
N LYS A 330 -4.89 -6.45 -21.01
CA LYS A 330 -5.58 -6.47 -22.30
C LYS A 330 -6.74 -7.46 -22.27
N ALA A 331 -6.50 -8.64 -21.72
CA ALA A 331 -7.54 -9.65 -21.62
C ALA A 331 -8.68 -9.12 -20.74
N LEU A 332 -8.31 -8.40 -19.69
CA LEU A 332 -9.29 -7.82 -18.77
C LEU A 332 -10.12 -6.78 -19.54
N GLY A 333 -9.45 -5.97 -20.35
CA GLY A 333 -10.14 -4.95 -21.12
C GLY A 333 -11.17 -5.55 -22.06
N GLU A 334 -10.82 -6.65 -22.72
CA GLU A 334 -11.74 -7.32 -23.63
C GLU A 334 -12.92 -7.91 -22.86
N ARG A 335 -12.63 -8.52 -21.72
CA ARG A 335 -13.68 -9.12 -20.90
C ARG A 335 -14.75 -8.11 -20.49
N TYR A 336 -14.32 -6.87 -20.23
CA TYR A 336 -15.25 -5.83 -19.81
C TYR A 336 -15.67 -4.80 -20.84
N GLY A 337 -15.29 -5.03 -22.09
CA GLY A 337 -15.66 -4.10 -23.14
C GLY A 337 -15.02 -2.73 -23.05
N VAL A 338 -13.86 -2.66 -22.40
CA VAL A 338 -13.11 -1.41 -22.28
C VAL A 338 -11.72 -1.78 -22.77
N PRO A 339 -11.56 -1.90 -24.10
CA PRO A 339 -10.31 -2.25 -24.78
C PRO A 339 -9.08 -1.45 -24.38
N TRP A 340 -7.95 -2.14 -24.36
CA TRP A 340 -6.68 -1.52 -24.03
C TRP A 340 -6.46 -0.39 -25.04
N ARG A 341 -6.07 0.77 -24.55
CA ARG A 341 -5.87 1.93 -25.41
C ARG A 341 -4.62 1.80 -26.27
N ASP A 342 -4.80 1.89 -27.58
CA ASP A 342 -3.69 1.79 -28.52
C ASP A 342 -2.91 3.10 -28.58
N ASP A 343 -3.48 4.13 -27.98
CA ASP A 343 -2.87 5.44 -27.95
C ASP A 343 -2.14 5.69 -26.63
N ALA A 344 -2.21 4.70 -25.74
CA ALA A 344 -1.56 4.82 -24.44
C ALA A 344 -0.05 4.63 -24.58
#